data_2A2E
#
_entry.id   2A2E
#
_cell.length_a   179.277
_cell.length_b   85.231
_cell.length_c   101.912
_cell.angle_alpha   90.00
_cell.angle_beta   96.83
_cell.angle_gamma   90.00
#
_symmetry.space_group_name_H-M   'C 1 2 1'
#
loop_
_entity.id
_entity.type
_entity.pdbx_description
1 polymer 'RNA subunit of RNase P'
2 non-polymer 'OSMIUM ION'
#
_entity_poly.entity_id   1
_entity_poly.type   'polyribonucleotide'
_entity_poly.pdbx_seq_one_letter_code
;GGAGAGGAGCAGGCGGUCGCGGGGGCGCACACCUGCGCUUCCCGAGGAAAGUCCGGACUCUGGAGCGGGGUGCCGGGUAA
CGCCCGGGAGGGGUGACCCUCGGACAGGGCCAUAGAGAAGAAGACCGCCCGUUGAGGGCAAGGGUGGAACGGUGGGGUAA
GAGCCCACCAGCGUCGGGGCAACCCGGCGGCUUGGCAACCCCCACCUGGAGCAAGGCCAAGCAGGGGGUUGGGUCGCUCC
CCCUAUUCCCCCGGGUUGGCCGCUUGAGGUGUGCGGUAACGCACACCCCAGAUUGAUGACCGCCCACGACAGAAUCCGGC
UUAUGCUCCUCUCCCGUG
;
_entity_poly.pdbx_strand_id   A
#